data_4YC7
#
_entry.id   4YC7
#
_cell.length_a   91.094
_cell.length_b   91.094
_cell.length_c   144.275
_cell.angle_alpha   90.00
_cell.angle_beta   90.00
_cell.angle_gamma   90.00
#
_symmetry.space_group_name_H-M   'P 41 21 2'
#
loop_
_entity.id
_entity.type
_entity.pdbx_description
1 polymer 'Formin-like protein 2'
2 polymer 'Cell division control protein 42 homolog'
3 non-polymer 'PHOSPHOAMINOPHOSPHONIC ACID-GUANYLATE ESTER'
4 non-polymer 'MAGNESIUM ION'
5 water water
#
loop_
_entity_poly.entity_id
_entity_poly.type
_entity_poly.pdbx_seq_one_letter_code
_entity_poly.pdbx_strand_id
1 'polypeptide(L)'
;GAMGNAGSMDSQQTDFRAHNVPLKLPMPEPGELEERFAIVLNAMNLPPDKARLLRQYDNEKKWELICDQERFQVKNPPHT
YIQKLKGYLDPAVTRKKFRRRVQESTQVLRELEISLRTNHIGWVREFLNEENKGLDVLVEYLSFAQYAVTFDFESVESTV
ESSVDKSKPWSRSIEDLHRGSNLPSPVGNSVSRSGRHSALRYNTLPSRRTLKNSRLVSKKDDVHVCIMCLRAIMNYQYGF
NMVMSHPHAVNEIALSLNNKNPRTKALVLELLAAVCLVRGGHEIILSAFDNFKEVCGEKQRFEKLMEHFRNEDNNIDFMV
ASMQFINIVVHSVEDMNFRVHLQYEFTKLGLDEYLDKLKHTESDKLQVQIQAYLDNVFDVG
;
B
2 'polypeptide(L)'
;GAMQTIKCVVVGDGAVGKTCLLISYTTNKFPSEYVPTVFDNYAVTVMIGGEPYTLGLFDTAGQEDYDRLRPLSYPQTDVF
LVCFSVVSPSSFENVKEKWVPEITHHCPKTPFLLVGTQIDLRDDPSTIEKLAKNKQKPITPETAEKLARDLKAVKYVECS
ALTQRGLKNVFDEAILAALEP
;
A
#
loop_
_chem_comp.id
_chem_comp.type
_chem_comp.name
_chem_comp.formula
GNP non-polymer 'PHOSPHOAMINOPHOSPHONIC ACID-GUANYLATE ESTER' 'C10 H17 N6 O13 P3'
MG non-polymer 'MAGNESIUM ION' 'Mg 2'
#
# COMPACT_ATOMS: atom_id res chain seq x y z
N GLU A 34 -19.43 -26.29 7.83
CA GLU A 34 -18.55 -26.81 6.79
C GLU A 34 -17.10 -26.54 7.14
N GLU A 35 -16.21 -27.42 6.69
CA GLU A 35 -14.83 -27.37 7.18
C GLU A 35 -13.72 -27.19 6.16
N ARG A 36 -14.01 -27.45 4.88
CA ARG A 36 -13.06 -27.11 3.82
C ARG A 36 -13.15 -25.62 3.51
N PHE A 37 -13.93 -24.91 4.32
CA PHE A 37 -14.12 -23.48 4.21
C PHE A 37 -13.37 -22.74 5.32
N ALA A 38 -13.52 -23.22 6.56
CA ALA A 38 -12.85 -22.60 7.70
C ALA A 38 -11.33 -22.78 7.62
N ILE A 39 -10.88 -23.54 6.62
CA ILE A 39 -9.45 -23.66 6.35
C ILE A 39 -9.02 -22.66 5.28
N VAL A 40 -9.90 -22.40 4.32
CA VAL A 40 -9.71 -21.34 3.34
C VAL A 40 -9.80 -20.01 4.07
N LEU A 41 -10.59 -19.99 5.13
CA LEU A 41 -10.79 -18.80 5.93
C LEU A 41 -9.52 -18.42 6.66
N ASN A 42 -8.78 -19.43 7.08
CA ASN A 42 -7.60 -19.18 7.87
C ASN A 42 -6.45 -18.64 7.02
N ALA A 43 -6.41 -19.10 5.77
CA ALA A 43 -5.37 -18.71 4.83
C ALA A 43 -5.46 -17.23 4.44
N MET A 44 -6.55 -16.59 4.81
CA MET A 44 -6.80 -15.22 4.40
C MET A 44 -6.42 -14.18 5.45
N ASN A 45 -5.97 -14.64 6.62
CA ASN A 45 -5.48 -13.73 7.64
C ASN A 45 -6.50 -12.62 7.98
N LEU A 46 -7.78 -12.98 8.00
CA LEU A 46 -8.83 -12.03 8.33
C LEU A 46 -8.87 -11.66 9.82
N PRO A 47 -9.13 -10.39 10.11
CA PRO A 47 -9.48 -9.97 11.48
C PRO A 47 -10.73 -10.70 11.97
N PRO A 48 -10.86 -10.90 13.29
CA PRO A 48 -11.99 -11.68 13.82
C PRO A 48 -13.34 -11.15 13.39
N ASP A 49 -13.48 -9.83 13.24
CA ASP A 49 -14.81 -9.29 12.89
C ASP A 49 -15.18 -9.64 11.46
N LYS A 50 -14.19 -9.66 10.58
CA LYS A 50 -14.46 -10.02 9.19
C LYS A 50 -14.64 -11.53 9.03
N ALA A 51 -13.92 -12.32 9.77
CA ALA A 51 -14.07 -13.75 9.70
C ALA A 51 -15.44 -14.16 10.18
N ARG A 52 -15.91 -13.49 11.22
CA ARG A 52 -17.22 -13.78 11.72
C ARG A 52 -18.25 -13.48 10.69
N LEU A 53 -18.09 -12.38 9.99
CA LEU A 53 -19.02 -12.01 8.98
C LEU A 53 -19.08 -12.98 7.84
N LEU A 54 -17.93 -13.46 7.42
CA LEU A 54 -17.92 -14.45 6.38
C LEU A 54 -18.56 -15.73 6.86
N ARG A 55 -18.39 -16.06 8.11
CA ARG A 55 -18.89 -17.31 8.62
C ARG A 55 -20.41 -17.42 8.52
N GLN A 56 -21.11 -16.32 8.73
CA GLN A 56 -22.55 -16.35 8.59
C GLN A 56 -22.82 -16.23 7.10
N TYR A 57 -22.42 -17.26 6.37
CA TYR A 57 -22.63 -17.32 4.93
C TYR A 57 -23.27 -18.64 4.57
N ASP A 58 -24.33 -18.59 3.75
CA ASP A 58 -25.03 -19.80 3.35
C ASP A 58 -24.00 -20.82 2.92
N ASN A 59 -24.23 -22.09 3.26
CA ASN A 59 -23.27 -23.14 2.94
C ASN A 59 -22.96 -23.23 1.43
N GLU A 60 -23.84 -22.64 0.63
CA GLU A 60 -23.66 -22.58 -0.83
C GLU A 60 -22.52 -21.63 -1.21
N LYS A 61 -22.53 -20.45 -0.62
CA LYS A 61 -21.52 -19.45 -0.88
C LYS A 61 -20.16 -19.91 -0.50
N LYS A 62 -20.05 -20.64 0.57
CA LYS A 62 -18.77 -21.10 0.96
C LYS A 62 -18.23 -21.96 -0.16
N TRP A 63 -19.11 -22.74 -0.77
CA TRP A 63 -18.70 -23.65 -1.80
C TRP A 63 -18.11 -22.91 -2.97
N GLU A 64 -18.71 -21.78 -3.30
CA GLU A 64 -18.26 -20.96 -4.40
C GLU A 64 -16.88 -20.41 -4.07
N LEU A 65 -16.67 -20.09 -2.81
CA LEU A 65 -15.39 -19.60 -2.36
C LEU A 65 -14.35 -20.65 -2.50
N ILE A 66 -14.72 -21.88 -2.15
CA ILE A 66 -13.83 -23.02 -2.24
C ILE A 66 -13.44 -23.28 -3.69
N CYS A 67 -14.40 -23.14 -4.60
CA CYS A 67 -14.15 -23.40 -5.98
C CYS A 67 -13.18 -22.34 -6.46
N ASP A 68 -13.37 -21.15 -5.95
CA ASP A 68 -12.55 -20.00 -6.32
C ASP A 68 -11.09 -20.18 -5.91
N GLN A 69 -10.88 -20.76 -4.75
CA GLN A 69 -9.54 -21.04 -4.32
C GLN A 69 -8.86 -22.05 -5.19
N GLU A 70 -9.59 -23.08 -5.55
CA GLU A 70 -9.04 -24.14 -6.35
C GLU A 70 -8.63 -23.62 -7.70
N ARG A 71 -9.45 -22.74 -8.24
CA ARG A 71 -9.20 -22.11 -9.50
C ARG A 71 -7.94 -21.28 -9.41
N PHE A 72 -7.60 -20.87 -8.20
CA PHE A 72 -6.52 -19.92 -7.96
C PHE A 72 -5.15 -20.57 -7.77
N GLN A 73 -4.18 -20.11 -8.56
CA GLN A 73 -2.81 -20.59 -8.46
C GLN A 73 -1.86 -19.42 -8.23
N VAL A 74 -0.86 -19.58 -7.36
CA VAL A 74 0.10 -18.48 -7.18
C VAL A 74 1.21 -18.53 -8.23
N LYS A 75 1.84 -17.38 -8.42
CA LYS A 75 2.76 -17.19 -9.52
C LYS A 75 4.07 -17.94 -9.31
N ASN A 76 4.71 -17.70 -8.18
CA ASN A 76 6.00 -18.31 -7.90
C ASN A 76 6.14 -18.69 -6.44
N PRO A 77 7.05 -19.64 -6.14
CA PRO A 77 7.33 -19.94 -4.73
C PRO A 77 8.30 -18.91 -4.14
N PRO A 78 8.30 -18.76 -2.81
CA PRO A 78 9.20 -17.79 -2.14
C PRO A 78 10.67 -17.82 -2.58
N HIS A 79 11.25 -18.98 -2.90
CA HIS A 79 12.69 -19.04 -3.20
C HIS A 79 13.05 -18.44 -4.56
N THR A 80 12.06 -18.36 -5.44
CA THR A 80 12.25 -17.65 -6.70
C THR A 80 12.75 -16.24 -6.41
N TYR A 81 11.98 -15.50 -5.61
CA TYR A 81 12.31 -14.10 -5.27
C TYR A 81 13.59 -13.98 -4.41
N ILE A 82 13.70 -14.85 -3.41
CA ILE A 82 14.87 -14.87 -2.54
C ILE A 82 16.20 -15.09 -3.30
N GLN A 83 16.18 -16.00 -4.26
CA GLN A 83 17.36 -16.22 -5.12
C GLN A 83 17.75 -14.98 -5.93
N LYS A 84 16.77 -14.31 -6.54
CA LYS A 84 17.05 -13.07 -7.28
C LYS A 84 17.73 -12.03 -6.36
N LEU A 85 17.21 -11.89 -5.15
CA LEU A 85 17.76 -10.92 -4.22
C LEU A 85 19.17 -11.31 -3.81
N LYS A 86 19.41 -12.61 -3.66
CA LYS A 86 20.76 -13.09 -3.38
C LYS A 86 21.70 -12.78 -4.54
N GLY A 87 21.20 -12.94 -5.76
CA GLY A 87 21.98 -12.60 -6.94
C GLY A 87 22.41 -11.14 -6.98
N TYR A 88 21.53 -10.24 -6.57
CA TYR A 88 21.83 -8.81 -6.56
C TYR A 88 22.91 -8.49 -5.52
N LEU A 89 23.03 -9.34 -4.51
CA LEU A 89 23.89 -9.08 -3.37
C LEU A 89 25.26 -9.72 -3.52
N ASP A 90 25.38 -10.59 -4.51
CA ASP A 90 26.61 -11.36 -4.71
C ASP A 90 27.70 -10.47 -5.27
N PRO A 91 28.73 -10.22 -4.45
CA PRO A 91 29.85 -9.36 -4.81
C PRO A 91 30.86 -10.04 -5.73
N ALA A 92 30.75 -11.36 -5.92
CA ALA A 92 31.64 -12.08 -6.83
C ALA A 92 31.30 -11.80 -8.30
N VAL A 93 30.21 -11.06 -8.50
CA VAL A 93 29.73 -10.71 -9.82
C VAL A 93 30.41 -9.43 -10.33
N THR A 94 30.82 -9.43 -11.59
CA THR A 94 31.34 -8.22 -12.21
C THR A 94 30.28 -7.13 -12.20
N ARG A 95 30.68 -5.91 -12.46
CA ARG A 95 29.72 -4.83 -12.51
C ARG A 95 28.71 -5.12 -13.58
N LYS A 96 29.16 -5.67 -14.68
CA LYS A 96 28.26 -5.92 -15.80
C LYS A 96 27.04 -6.74 -15.44
N LYS A 97 27.24 -7.96 -14.92
CA LYS A 97 26.09 -8.80 -14.62
C LYS A 97 25.24 -8.18 -13.51
N PHE A 98 25.89 -7.53 -12.55
CA PHE A 98 25.18 -6.81 -11.51
C PHE A 98 24.17 -5.80 -12.11
N ARG A 99 24.65 -4.91 -12.97
CA ARG A 99 23.81 -3.88 -13.57
C ARG A 99 22.66 -4.50 -14.37
N ARG A 100 22.94 -5.64 -14.99
CA ARG A 100 21.98 -6.36 -15.81
C ARG A 100 21.03 -7.14 -14.96
N ARG A 101 21.53 -7.72 -13.86
CA ARG A 101 20.67 -8.43 -12.92
C ARG A 101 19.68 -7.47 -12.28
N VAL A 102 20.19 -6.34 -11.80
CA VAL A 102 19.33 -5.40 -11.07
C VAL A 102 18.45 -4.54 -11.95
N GLN A 103 18.57 -4.65 -13.26
CA GLN A 103 17.76 -3.80 -14.12
C GLN A 103 16.26 -4.10 -13.96
N GLU A 104 15.95 -5.25 -13.38
CA GLU A 104 14.59 -5.61 -13.05
C GLU A 104 14.32 -5.66 -11.55
N SER A 105 15.25 -5.15 -10.74
CA SER A 105 15.16 -5.29 -9.30
C SER A 105 13.84 -4.75 -8.78
N THR A 106 13.49 -3.55 -9.24
CA THR A 106 12.26 -2.93 -8.76
C THR A 106 11.05 -3.76 -9.12
N GLN A 107 11.04 -4.29 -10.32
CA GLN A 107 9.93 -5.14 -10.75
C GLN A 107 9.83 -6.39 -9.86
N VAL A 108 10.94 -7.03 -9.60
CA VAL A 108 10.97 -8.21 -8.75
C VAL A 108 10.52 -7.92 -7.34
N LEU A 109 10.95 -6.81 -6.80
CA LEU A 109 10.49 -6.42 -5.50
C LEU A 109 9.02 -6.16 -5.46
N ARG A 110 8.47 -5.58 -6.51
CA ARG A 110 7.05 -5.35 -6.53
C ARG A 110 6.25 -6.66 -6.56
N GLU A 111 6.78 -7.67 -7.26
CA GLU A 111 6.12 -8.98 -7.33
C GLU A 111 6.22 -9.71 -6.00
N LEU A 112 7.36 -9.56 -5.32
CA LEU A 112 7.50 -10.13 -3.99
C LEU A 112 6.50 -9.47 -3.01
N GLU A 113 6.39 -8.15 -3.09
CA GLU A 113 5.47 -7.44 -2.21
C GLU A 113 4.02 -7.88 -2.42
N ILE A 114 3.59 -7.94 -3.67
CA ILE A 114 2.24 -8.44 -3.96
C ILE A 114 2.05 -9.86 -3.45
N SER A 115 3.05 -10.71 -3.68
CA SER A 115 3.02 -12.09 -3.16
C SER A 115 2.88 -12.14 -1.64
N LEU A 116 3.69 -11.37 -0.94
CA LEU A 116 3.61 -11.28 0.51
C LEU A 116 2.27 -10.76 0.98
N ARG A 117 1.67 -9.87 0.20
CA ARG A 117 0.50 -9.16 0.70
C ARG A 117 -0.81 -9.85 0.32
N THR A 118 -0.80 -10.59 -0.78
CA THR A 118 -2.07 -11.09 -1.32
C THR A 118 -2.16 -12.59 -1.55
N ASN A 119 -1.04 -13.32 -1.46
CA ASN A 119 -1.11 -14.78 -1.51
C ASN A 119 -1.69 -15.33 -0.21
N HIS A 120 -1.93 -16.64 -0.18
CA HIS A 120 -2.34 -17.29 1.07
C HIS A 120 -1.24 -17.11 2.12
N ILE A 121 -1.64 -16.94 3.36
CA ILE A 121 -0.71 -16.62 4.45
C ILE A 121 0.44 -17.63 4.57
N GLY A 122 0.17 -18.88 4.16
CA GLY A 122 1.15 -19.96 4.17
C GLY A 122 2.36 -19.65 3.30
N TRP A 123 2.10 -18.93 2.20
CA TRP A 123 3.15 -18.47 1.30
C TRP A 123 4.14 -17.60 2.10
N VAL A 124 3.62 -16.83 3.05
CA VAL A 124 4.44 -15.98 3.89
C VAL A 124 5.27 -16.82 4.88
N ARG A 125 4.62 -17.77 5.56
CA ARG A 125 5.31 -18.68 6.48
C ARG A 125 6.50 -19.34 5.80
N GLU A 126 6.29 -19.90 4.61
CA GLU A 126 7.37 -20.50 3.83
C GLU A 126 8.51 -19.50 3.61
N PHE A 127 8.17 -18.31 3.11
CA PHE A 127 9.15 -17.23 2.91
C PHE A 127 10.02 -16.98 4.16
N LEU A 128 9.39 -17.06 5.33
CA LEU A 128 10.05 -16.68 6.56
C LEU A 128 10.79 -17.84 7.18
N ASN A 129 10.64 -19.04 6.62
CA ASN A 129 11.06 -20.25 7.34
C ASN A 129 12.55 -20.55 7.31
N GLU A 130 12.93 -21.62 8.01
CA GLU A 130 14.34 -22.01 8.20
C GLU A 130 15.08 -22.33 6.88
N GLU A 131 14.41 -23.03 5.97
CA GLU A 131 14.98 -23.26 4.65
C GLU A 131 15.20 -21.95 3.92
N ASN A 132 14.19 -21.09 3.92
CA ASN A 132 14.20 -19.88 3.10
C ASN A 132 14.95 -18.67 3.67
N LYS A 133 14.66 -18.34 4.93
CA LYS A 133 15.27 -17.19 5.59
C LYS A 133 14.98 -15.90 4.81
N GLY A 134 13.75 -15.78 4.31
CA GLY A 134 13.36 -14.63 3.52
C GLY A 134 13.57 -13.29 4.20
N LEU A 135 13.23 -13.21 5.49
CA LEU A 135 13.42 -11.97 6.23
C LEU A 135 14.89 -11.49 6.24
N ASP A 136 15.83 -12.42 6.35
CA ASP A 136 17.25 -12.05 6.31
C ASP A 136 17.68 -11.43 4.98
N VAL A 137 17.31 -12.07 3.87
CA VAL A 137 17.72 -11.54 2.57
C VAL A 137 17.09 -10.19 2.32
N LEU A 138 15.79 -10.08 2.62
CA LEU A 138 15.09 -8.81 2.43
C LEU A 138 15.78 -7.66 3.20
N VAL A 139 16.06 -7.88 4.49
CA VAL A 139 16.69 -6.87 5.33
C VAL A 139 18.07 -6.53 4.75
N GLU A 140 18.78 -7.57 4.34
CA GLU A 140 20.08 -7.39 3.72
C GLU A 140 20.03 -6.55 2.42
N TYR A 141 19.07 -6.83 1.55
CA TYR A 141 18.96 -6.05 0.32
C TYR A 141 18.63 -4.57 0.63
N LEU A 142 17.77 -4.36 1.61
CA LEU A 142 17.35 -3.02 2.00
C LEU A 142 18.55 -2.21 2.49
N SER A 143 19.33 -2.86 3.35
CA SER A 143 20.57 -2.29 3.87
C SER A 143 21.51 -1.92 2.73
N PHE A 144 21.67 -2.83 1.77
CA PHE A 144 22.49 -2.55 0.61
C PHE A 144 21.94 -1.37 -0.22
N ALA A 145 20.63 -1.39 -0.49
CA ALA A 145 19.98 -0.36 -1.32
C ALA A 145 20.15 1.03 -0.74
N GLN A 146 20.40 1.06 0.56
CA GLN A 146 20.39 2.25 1.38
C GLN A 146 21.80 2.66 1.81
N TYR A 147 22.75 1.73 1.69
CA TYR A 147 24.13 1.97 2.08
C TYR A 147 24.69 3.31 1.57
N ALA A 148 24.41 3.62 0.31
CA ALA A 148 24.90 4.85 -0.30
C ALA A 148 24.38 6.07 0.43
N VAL A 149 23.05 6.13 0.57
CA VAL A 149 22.35 7.21 1.27
C VAL A 149 22.87 7.38 2.71
N THR A 150 23.27 6.26 3.31
CA THR A 150 23.73 6.26 4.69
C THR A 150 25.21 6.61 4.78
N PHE A 151 25.51 7.81 5.26
CA PHE A 151 26.88 8.19 5.62
C PHE A 151 26.93 9.40 6.56
N SER A 207 34.38 -1.92 -1.52
CA SER A 207 33.57 -1.09 -0.62
C SER A 207 33.25 0.26 -1.23
N ARG A 208 34.15 0.78 -2.06
CA ARG A 208 33.81 1.96 -2.84
C ARG A 208 33.03 1.49 -4.04
N ARG A 209 33.30 0.26 -4.44
CA ARG A 209 32.53 -0.38 -5.48
C ARG A 209 31.12 -0.67 -5.10
N THR A 210 30.92 -1.27 -3.95
CA THR A 210 29.58 -1.54 -3.46
C THR A 210 28.87 -0.21 -3.13
N LEU A 211 29.64 0.82 -2.84
CA LEU A 211 29.10 2.17 -2.66
C LEU A 211 28.63 2.75 -4.00
N LYS A 212 29.35 2.45 -5.06
CA LYS A 212 28.96 2.74 -6.40
C LYS A 212 27.76 1.91 -6.83
N ASN A 213 27.76 0.65 -6.48
CA ASN A 213 26.67 -0.20 -6.84
C ASN A 213 25.39 0.19 -6.18
N SER A 214 25.50 0.61 -4.95
CA SER A 214 24.36 0.99 -4.13
C SER A 214 23.68 2.22 -4.75
N ARG A 215 24.49 3.14 -5.23
CA ARG A 215 23.99 4.37 -5.79
C ARG A 215 23.17 4.04 -6.97
N LEU A 216 23.47 2.90 -7.60
CA LEU A 216 22.67 2.43 -8.72
C LEU A 216 21.23 2.11 -8.32
N VAL A 217 21.07 1.47 -7.16
CA VAL A 217 19.75 1.05 -6.69
C VAL A 217 19.09 2.00 -5.69
N SER A 218 19.77 3.08 -5.36
CA SER A 218 19.31 4.02 -4.35
C SER A 218 18.48 5.17 -4.91
N LYS A 219 18.49 5.31 -6.23
CA LYS A 219 17.70 6.34 -6.87
C LYS A 219 16.42 5.74 -7.48
N LYS A 220 16.28 4.42 -7.37
CA LYS A 220 15.06 3.76 -7.83
C LYS A 220 14.10 3.64 -6.65
N ASP A 221 13.00 2.92 -6.85
CA ASP A 221 12.01 2.79 -5.78
C ASP A 221 12.24 1.59 -4.85
N ASP A 222 13.33 0.85 -5.06
CA ASP A 222 13.62 -0.37 -4.31
C ASP A 222 13.40 -0.24 -2.80
N VAL A 223 14.02 0.77 -2.21
CA VAL A 223 13.92 0.98 -0.77
C VAL A 223 12.46 1.02 -0.35
N HIS A 224 11.71 1.92 -0.98
CA HIS A 224 10.31 2.06 -0.68
C HIS A 224 9.58 0.72 -0.77
N VAL A 225 9.82 -0.04 -1.84
CA VAL A 225 9.17 -1.34 -2.00
C VAL A 225 9.61 -2.38 -0.95
N CYS A 226 10.87 -2.33 -0.51
CA CYS A 226 11.30 -3.22 0.58
C CYS A 226 10.52 -2.88 1.86
N ILE A 227 10.34 -1.59 2.12
CA ILE A 227 9.58 -1.16 3.28
C ILE A 227 8.15 -1.69 3.18
N MET A 228 7.56 -1.63 1.99
CA MET A 228 6.23 -2.23 1.77
C MET A 228 6.22 -3.74 2.08
N CYS A 229 7.27 -4.44 1.65
CA CYS A 229 7.38 -5.89 1.90
C CYS A 229 7.37 -6.15 3.42
N LEU A 230 8.20 -5.39 4.14
CA LEU A 230 8.24 -5.47 5.61
C LEU A 230 6.86 -5.19 6.22
N ARG A 231 6.19 -4.17 5.72
CA ARG A 231 4.82 -3.90 6.11
C ARG A 231 3.90 -5.11 5.93
N ALA A 232 3.98 -5.80 4.78
CA ALA A 232 3.14 -6.99 4.57
C ALA A 232 3.51 -8.13 5.55
N ILE A 233 4.80 -8.40 5.68
CA ILE A 233 5.27 -9.35 6.66
C ILE A 233 4.74 -9.01 8.06
N MET A 234 4.79 -7.72 8.42
CA MET A 234 4.30 -7.32 9.74
C MET A 234 2.78 -7.45 9.99
N ASN A 235 1.94 -7.60 8.96
CA ASN A 235 0.51 -7.74 9.23
CA ASN A 235 0.50 -7.76 9.18
C ASN A 235 0.14 -9.20 9.55
N TYR A 236 1.15 -10.06 9.51
CA TYR A 236 1.04 -11.46 9.91
C TYR A 236 1.66 -11.59 11.29
N GLN A 237 0.85 -11.97 12.28
CA GLN A 237 1.26 -11.97 13.70
C GLN A 237 2.67 -12.55 13.93
N TYR A 238 2.88 -13.76 13.40
CA TYR A 238 4.15 -14.46 13.50
C TYR A 238 5.27 -13.66 12.81
N GLY A 239 4.94 -13.01 11.70
CA GLY A 239 5.91 -12.22 10.97
C GLY A 239 6.29 -10.94 11.70
N PHE A 240 5.29 -10.30 12.31
CA PHE A 240 5.54 -9.18 13.20
C PHE A 240 6.57 -9.56 14.28
N ASN A 241 6.36 -10.71 14.93
CA ASN A 241 7.28 -11.21 15.96
C ASN A 241 8.71 -11.41 15.48
N MET A 242 8.87 -11.93 14.27
CA MET A 242 10.20 -12.12 13.71
C MET A 242 10.88 -10.79 13.42
N VAL A 243 10.10 -9.79 13.06
CA VAL A 243 10.68 -8.47 12.79
C VAL A 243 11.25 -7.89 14.07
N MET A 244 10.49 -8.01 15.16
CA MET A 244 10.92 -7.60 16.49
C MET A 244 12.21 -8.27 16.93
N SER A 245 12.24 -9.60 16.83
CA SER A 245 13.36 -10.40 17.32
C SER A 245 14.60 -10.31 16.43
N HIS A 246 14.42 -9.75 15.22
CA HIS A 246 15.50 -9.67 14.26
C HIS A 246 16.60 -8.71 14.72
N PRO A 247 17.86 -9.10 14.50
CA PRO A 247 18.99 -8.24 14.87
C PRO A 247 19.05 -6.87 14.14
N HIS A 248 18.68 -6.81 12.87
CA HIS A 248 18.88 -5.59 12.11
C HIS A 248 17.63 -4.92 11.58
N ALA A 249 16.52 -5.66 11.53
CA ALA A 249 15.34 -5.20 10.79
C ALA A 249 14.81 -3.83 11.18
N VAL A 250 14.60 -3.57 12.48
CA VAL A 250 14.11 -2.23 12.80
C VAL A 250 15.19 -1.16 12.77
N ASN A 251 16.44 -1.56 13.01
CA ASN A 251 17.55 -0.67 12.72
C ASN A 251 17.50 -0.13 11.28
N GLU A 252 17.27 -1.04 10.31
CA GLU A 252 17.30 -0.63 8.90
C GLU A 252 16.05 0.16 8.51
N ILE A 253 14.95 -0.18 9.14
CA ILE A 253 13.72 0.54 8.87
C ILE A 253 13.89 1.99 9.31
N ALA A 254 14.53 2.19 10.46
CA ALA A 254 14.80 3.55 10.96
C ALA A 254 15.72 4.31 10.01
N LEU A 255 16.77 3.64 9.54
CA LEU A 255 17.67 4.24 8.55
C LEU A 255 16.96 4.77 7.30
N SER A 256 15.83 4.16 6.93
CA SER A 256 15.08 4.60 5.76
C SER A 256 14.40 5.96 5.96
N LEU A 257 14.43 6.46 7.19
CA LEU A 257 13.86 7.77 7.44
C LEU A 257 14.63 8.85 6.67
N ASN A 258 15.83 8.51 6.23
CA ASN A 258 16.68 9.43 5.46
C ASN A 258 16.32 9.48 3.98
N ASN A 259 15.45 8.57 3.55
CA ASN A 259 15.02 8.57 2.18
C ASN A 259 14.32 9.88 1.85
N LYS A 260 14.63 10.46 0.70
CA LYS A 260 14.10 11.78 0.40
C LYS A 260 12.61 11.82 0.01
N ASN A 261 12.03 10.69 -0.36
CA ASN A 261 10.60 10.61 -0.64
C ASN A 261 9.77 10.63 0.65
N PRO A 262 8.99 11.71 0.84
CA PRO A 262 8.13 11.88 2.02
C PRO A 262 7.08 10.76 2.15
N ARG A 263 6.66 10.18 1.03
CA ARG A 263 5.74 9.05 1.08
C ARG A 263 6.43 7.85 1.76
N THR A 264 7.72 7.69 1.50
CA THR A 264 8.51 6.61 2.11
C THR A 264 8.70 6.84 3.61
N LYS A 265 9.01 8.08 3.95
CA LYS A 265 9.20 8.50 5.33
C LYS A 265 7.94 8.25 6.14
N ALA A 266 6.78 8.49 5.55
CA ALA A 266 5.52 8.30 6.26
C ALA A 266 5.33 6.83 6.63
N LEU A 267 5.61 5.96 5.66
CA LEU A 267 5.42 4.54 5.83
C LEU A 267 6.34 4.00 6.91
N VAL A 268 7.60 4.45 6.89
CA VAL A 268 8.58 4.07 7.89
C VAL A 268 8.06 4.41 9.30
N LEU A 269 7.62 5.66 9.44
CA LEU A 269 7.07 6.14 10.70
C LEU A 269 5.87 5.31 11.16
N GLU A 270 5.08 4.80 10.22
CA GLU A 270 3.89 4.03 10.57
C GLU A 270 4.31 2.66 11.13
N LEU A 271 5.25 2.04 10.44
CA LEU A 271 5.93 0.84 10.92
C LEU A 271 6.59 1.07 12.29
N LEU A 272 7.38 2.13 12.41
CA LEU A 272 8.03 2.42 13.69
C LEU A 272 7.01 2.62 14.81
N ALA A 273 5.91 3.32 14.51
CA ALA A 273 4.90 3.53 15.53
C ALA A 273 4.26 2.20 15.99
N ALA A 274 4.02 1.29 15.05
CA ALA A 274 3.37 0.03 15.37
C ALA A 274 4.23 -0.83 16.31
N VAL A 275 5.52 -0.87 16.03
CA VAL A 275 6.45 -1.64 16.83
C VAL A 275 6.52 -1.10 18.25
N CYS A 276 6.56 0.22 18.33
CA CYS A 276 6.71 0.94 19.59
C CYS A 276 5.54 0.65 20.54
N LEU A 277 4.36 0.38 19.98
CA LEU A 277 3.16 0.16 20.76
C LEU A 277 3.02 -1.22 21.41
N VAL A 278 3.76 -2.21 20.94
CA VAL A 278 3.67 -3.51 21.62
C VAL A 278 4.71 -3.66 22.72
N ARG A 279 4.41 -4.50 23.70
CA ARG A 279 5.31 -4.73 24.83
C ARG A 279 6.70 -5.10 24.35
N GLY A 280 7.71 -4.40 24.88
CA GLY A 280 9.08 -4.64 24.47
C GLY A 280 9.50 -3.78 23.28
N GLY A 281 8.52 -3.13 22.63
CA GLY A 281 8.79 -2.36 21.44
C GLY A 281 9.59 -1.10 21.68
N HIS A 282 9.25 -0.39 22.75
CA HIS A 282 9.87 0.89 23.04
C HIS A 282 11.40 0.83 23.13
N GLU A 283 11.90 -0.23 23.74
CA GLU A 283 13.34 -0.41 23.87
C GLU A 283 13.97 -0.64 22.51
N ILE A 284 13.32 -1.45 21.69
CA ILE A 284 13.82 -1.76 20.36
C ILE A 284 13.90 -0.49 19.51
N ILE A 285 12.90 0.36 19.67
CA ILE A 285 12.84 1.64 18.98
C ILE A 285 13.93 2.62 19.43
N LEU A 286 14.09 2.79 20.73
CA LEU A 286 15.18 3.63 21.26
C LEU A 286 16.53 3.11 20.81
N SER A 287 16.69 1.79 20.84
CA SER A 287 17.95 1.23 20.41
C SER A 287 18.16 1.54 18.93
N ALA A 288 17.10 1.43 18.14
CA ALA A 288 17.18 1.74 16.71
C ALA A 288 17.56 3.19 16.47
N PHE A 289 17.04 4.09 17.29
CA PHE A 289 17.34 5.51 17.12
C PHE A 289 18.70 5.93 17.69
N ASP A 290 19.20 5.16 18.66
CA ASP A 290 20.59 5.32 19.09
C ASP A 290 21.53 4.88 17.96
N ASN A 291 21.19 3.77 17.32
CA ASN A 291 21.98 3.27 16.23
C ASN A 291 21.99 4.27 15.07
N PHE A 292 20.82 4.86 14.82
CA PHE A 292 20.67 5.84 13.76
C PHE A 292 21.62 7.00 14.02
N LYS A 293 21.60 7.51 15.25
CA LYS A 293 22.43 8.63 15.63
C LYS A 293 23.91 8.38 15.32
N GLU A 294 24.42 7.23 15.75
CA GLU A 294 25.81 6.93 15.54
C GLU A 294 26.19 6.80 14.10
N VAL A 295 25.44 6.04 13.34
CA VAL A 295 25.77 5.89 11.94
C VAL A 295 25.61 7.16 11.16
N CYS A 296 24.62 7.94 11.48
CA CYS A 296 24.36 9.15 10.76
C CYS A 296 25.06 10.34 11.35
N GLY A 297 25.79 10.15 12.43
CA GLY A 297 26.46 11.27 13.05
C GLY A 297 25.63 12.45 13.49
N GLU A 298 24.56 12.22 14.21
CA GLU A 298 23.78 13.29 14.81
C GLU A 298 24.37 13.79 16.12
N LYS A 299 24.02 15.01 16.50
CA LYS A 299 24.40 15.57 17.80
C LYS A 299 23.54 14.97 18.93
N GLN A 300 22.24 14.89 18.68
CA GLN A 300 21.31 14.29 19.63
C GLN A 300 20.41 13.35 18.83
N ARG A 301 19.90 12.30 19.47
CA ARG A 301 19.05 11.37 18.73
C ARG A 301 17.72 12.06 18.41
N PHE A 302 17.08 11.64 17.30
CA PHE A 302 15.88 12.28 16.75
C PHE A 302 16.14 13.59 16.04
N GLU A 303 17.42 13.96 15.96
CA GLU A 303 17.81 15.20 15.32
C GLU A 303 17.28 15.31 13.88
N LYS A 304 17.53 14.29 13.07
CA LYS A 304 17.11 14.37 11.66
C LYS A 304 15.61 14.20 11.48
N LEU A 305 15.00 13.43 12.37
CA LEU A 305 13.55 13.28 12.43
C LEU A 305 12.92 14.67 12.54
N MET A 306 13.37 15.43 13.54
CA MET A 306 12.89 16.79 13.70
C MET A 306 13.18 17.70 12.50
N GLU A 307 14.39 17.59 11.93
CA GLU A 307 14.74 18.34 10.73
C GLU A 307 13.68 18.16 9.64
N HIS A 308 13.46 16.89 9.28
CA HIS A 308 12.53 16.57 8.21
C HIS A 308 11.14 17.08 8.53
N PHE A 309 10.75 16.95 9.79
CA PHE A 309 9.41 17.33 10.24
C PHE A 309 9.23 18.85 10.21
N ARG A 310 10.21 19.59 10.65
CA ARG A 310 10.19 21.04 10.51
C ARG A 310 10.25 21.49 9.06
N ASN A 311 11.09 20.86 8.27
CA ASN A 311 11.37 21.29 6.91
C ASN A 311 10.27 21.02 5.92
N GLU A 312 9.28 20.25 6.29
CA GLU A 312 8.31 19.85 5.31
C GLU A 312 7.08 20.73 5.29
N ASP A 313 7.00 21.60 4.30
CA ASP A 313 5.83 22.41 4.06
C ASP A 313 4.59 21.66 3.58
N ASN A 314 4.78 20.68 2.71
CA ASN A 314 3.68 20.19 1.88
C ASN A 314 2.97 18.86 2.11
N ASN A 315 3.58 17.89 2.75
CA ASN A 315 2.96 16.58 2.75
C ASN A 315 2.28 16.33 4.04
N ILE A 316 0.97 16.49 4.09
CA ILE A 316 0.24 16.38 5.36
C ILE A 316 0.36 14.98 5.98
N ASP A 317 0.31 13.95 5.15
CA ASP A 317 0.39 12.57 5.63
C ASP A 317 1.69 12.27 6.35
N PHE A 318 2.79 12.77 5.82
CA PHE A 318 4.06 12.62 6.49
C PHE A 318 4.07 13.37 7.81
N MET A 319 3.42 14.52 7.84
CA MET A 319 3.39 15.29 9.07
C MET A 319 2.52 14.63 10.11
N VAL A 320 1.41 14.06 9.66
CA VAL A 320 0.54 13.30 10.54
C VAL A 320 1.30 12.13 11.15
N ALA A 321 2.06 11.42 10.31
CA ALA A 321 2.79 10.24 10.76
C ALA A 321 3.92 10.63 11.71
N SER A 322 4.57 11.76 11.45
CA SER A 322 5.62 12.26 12.33
C SER A 322 5.05 12.61 13.71
N MET A 323 3.96 13.36 13.73
CA MET A 323 3.41 13.80 14.99
C MET A 323 2.97 12.59 15.80
N GLN A 324 2.27 11.66 15.13
CA GLN A 324 1.78 10.45 15.76
C GLN A 324 2.90 9.65 16.41
N PHE A 325 4.03 9.54 15.70
CA PHE A 325 5.13 8.71 16.17
C PHE A 325 5.79 9.35 17.38
N ILE A 326 5.91 10.66 17.31
CA ILE A 326 6.53 11.40 18.38
C ILE A 326 5.68 11.22 19.62
N ASN A 327 4.36 11.33 19.47
CA ASN A 327 3.47 11.22 20.61
C ASN A 327 3.52 9.83 21.24
N ILE A 328 3.67 8.79 20.43
CA ILE A 328 3.80 7.44 20.96
C ILE A 328 5.12 7.25 21.70
N VAL A 329 6.21 7.73 21.11
CA VAL A 329 7.51 7.50 21.70
C VAL A 329 7.77 8.27 23.01
N VAL A 330 7.21 9.46 23.17
CA VAL A 330 7.43 10.11 24.44
C VAL A 330 6.39 9.71 25.48
N HIS A 331 5.13 9.52 25.07
CA HIS A 331 4.02 9.40 26.02
C HIS A 331 3.44 8.00 26.29
N SER A 332 4.00 6.95 25.68
CA SER A 332 3.53 5.59 25.93
C SER A 332 4.36 4.79 26.95
N VAL A 333 5.41 5.41 27.50
CA VAL A 333 6.33 4.69 28.41
C VAL A 333 5.75 4.51 29.81
N GLU A 334 6.25 3.51 30.54
CA GLU A 334 5.69 3.20 31.86
C GLU A 334 6.25 4.13 32.94
N ASP A 335 7.52 4.52 32.79
CA ASP A 335 8.18 5.35 33.78
C ASP A 335 7.96 6.84 33.51
N MET A 336 7.29 7.51 34.44
CA MET A 336 6.95 8.93 34.29
C MET A 336 8.15 9.86 34.18
N ASN A 337 9.23 9.55 34.90
CA ASN A 337 10.44 10.35 34.81
C ASN A 337 11.13 10.18 33.46
N PHE A 338 10.97 9.00 32.90
CA PHE A 338 11.46 8.75 31.56
C PHE A 338 10.62 9.51 30.53
N ARG A 339 9.31 9.58 30.75
CA ARG A 339 8.40 10.30 29.88
C ARG A 339 8.81 11.76 29.76
N VAL A 340 9.19 12.36 30.89
CA VAL A 340 9.51 13.79 30.89
C VAL A 340 10.88 14.07 30.24
N HIS A 341 11.82 13.17 30.46
CA HIS A 341 13.11 13.25 29.78
C HIS A 341 12.91 13.19 28.25
N LEU A 342 12.08 12.24 27.82
CA LEU A 342 11.77 12.11 26.41
C LEU A 342 11.08 13.37 25.91
N GLN A 343 10.15 13.89 26.69
CA GLN A 343 9.46 15.10 26.30
C GLN A 343 10.45 16.25 26.07
N TYR A 344 11.36 16.45 27.02
CA TYR A 344 12.33 17.53 26.90
C TYR A 344 13.33 17.36 25.77
N GLU A 345 13.65 16.12 25.45
CA GLU A 345 14.49 15.84 24.28
C GLU A 345 13.96 16.55 23.05
N PHE A 346 12.67 16.37 22.79
CA PHE A 346 12.04 17.02 21.65
C PHE A 346 11.89 18.52 21.85
N THR A 347 11.74 18.94 23.09
CA THR A 347 11.73 20.36 23.42
C THR A 347 13.08 20.99 23.01
N LYS A 348 14.18 20.37 23.40
CA LYS A 348 15.51 20.88 23.05
C LYS A 348 15.76 20.93 21.52
N LEU A 349 14.96 20.18 20.78
CA LEU A 349 15.03 20.19 19.32
C LEU A 349 13.95 21.09 18.73
N GLY A 350 13.32 21.89 19.58
CA GLY A 350 12.36 22.88 19.10
C GLY A 350 10.96 22.45 18.68
N LEU A 351 10.50 21.28 19.13
CA LEU A 351 9.15 20.82 18.84
C LEU A 351 8.06 21.78 19.35
N ASP A 352 8.21 22.21 20.59
CA ASP A 352 7.24 23.10 21.24
C ASP A 352 7.06 24.39 20.46
N GLU A 353 8.17 25.00 20.06
CA GLU A 353 8.10 26.22 19.25
C GLU A 353 7.50 25.94 17.89
N TYR A 354 7.79 24.75 17.36
CA TYR A 354 7.26 24.40 16.05
C TYR A 354 5.77 24.13 16.12
N LEU A 355 5.32 23.49 17.21
CA LEU A 355 3.90 23.16 17.34
C LEU A 355 3.10 24.43 17.62
N ASP A 356 3.77 25.45 18.14
CA ASP A 356 3.20 26.78 18.32
C ASP A 356 2.59 27.32 17.04
N LYS A 357 3.34 27.24 15.94
CA LYS A 357 2.84 27.64 14.64
C LYS A 357 1.92 26.55 14.10
N LEU A 358 2.36 25.31 14.22
CA LEU A 358 1.71 24.23 13.49
C LEU A 358 0.28 23.96 13.96
N LYS A 359 -0.02 24.27 15.22
CA LYS A 359 -1.35 24.00 15.78
C LYS A 359 -2.46 24.77 15.06
N HIS A 360 -2.08 25.83 14.36
CA HIS A 360 -3.02 26.63 13.59
C HIS A 360 -3.35 26.02 12.23
N THR A 361 -3.02 24.75 12.06
CA THR A 361 -3.19 24.09 10.77
C THR A 361 -4.68 23.97 10.37
N GLU A 362 -4.91 23.75 9.09
CA GLU A 362 -6.27 23.62 8.61
C GLU A 362 -6.66 22.15 8.58
N SER A 363 -5.66 21.28 8.54
CA SER A 363 -5.87 19.85 8.38
C SER A 363 -6.36 19.21 9.67
N ASP A 364 -7.52 18.58 9.61
CA ASP A 364 -8.11 17.98 10.80
C ASP A 364 -7.41 16.69 11.22
N LYS A 365 -6.81 15.99 10.27
CA LYS A 365 -6.01 14.81 10.57
C LYS A 365 -4.79 15.18 11.41
N LEU A 366 -4.08 16.22 10.98
CA LEU A 366 -2.93 16.71 11.72
C LEU A 366 -3.34 17.36 13.04
N GLN A 367 -4.50 18.03 13.03
CA GLN A 367 -4.98 18.70 14.21
C GLN A 367 -5.07 17.75 15.39
N VAL A 368 -5.64 16.56 15.15
CA VAL A 368 -5.88 15.61 16.23
C VAL A 368 -4.60 15.07 16.84
N GLN A 369 -3.58 14.82 16.00
CA GLN A 369 -2.28 14.37 16.49
C GLN A 369 -1.62 15.41 17.39
N ILE A 370 -1.59 16.66 16.92
CA ILE A 370 -1.01 17.76 17.68
C ILE A 370 -1.75 17.92 19.01
N GLN A 371 -3.08 17.85 18.96
CA GLN A 371 -3.87 17.95 20.19
C GLN A 371 -3.52 16.85 21.17
N ALA A 372 -3.41 15.62 20.65
CA ALA A 372 -3.11 14.48 21.51
C ALA A 372 -1.78 14.71 22.22
N TYR A 373 -0.82 15.24 21.48
CA TYR A 373 0.48 15.53 22.06
C TYR A 373 0.39 16.63 23.12
N LEU A 374 -0.33 17.70 22.82
CA LEU A 374 -0.45 18.80 23.76
C LEU A 374 -1.16 18.35 25.02
N ASP A 375 -2.19 17.53 24.87
CA ASP A 375 -2.92 16.99 26.02
C ASP A 375 -2.04 16.14 26.93
N ASN A 376 -1.10 15.40 26.34
CA ASN A 376 -0.21 14.51 27.11
C ASN A 376 0.97 15.20 27.81
N VAL A 377 1.31 16.40 27.37
CA VAL A 377 2.48 17.12 27.91
C VAL A 377 2.34 17.50 29.39
N PHE A 378 3.47 17.42 30.12
CA PHE A 378 3.60 17.87 31.52
C PHE A 378 4.08 19.32 31.61
N ASP A 379 3.73 20.01 32.70
CA ASP A 379 4.19 21.38 32.92
C ASP A 379 5.45 21.43 33.77
N ALA B 2 -22.09 -22.01 -27.93
CA ALA B 2 -20.92 -21.23 -28.28
C ALA B 2 -21.16 -19.73 -28.10
N MET B 3 -21.80 -19.38 -26.98
CA MET B 3 -22.00 -17.99 -26.59
C MET B 3 -20.68 -17.39 -26.07
N GLN B 4 -20.29 -16.24 -26.62
CA GLN B 4 -19.00 -15.66 -26.28
C GLN B 4 -19.01 -14.84 -24.98
N THR B 5 -17.94 -14.97 -24.19
CA THR B 5 -17.89 -14.45 -22.82
C THR B 5 -16.84 -13.34 -22.66
N ILE B 6 -17.12 -12.36 -21.81
CA ILE B 6 -16.11 -11.36 -21.46
C ILE B 6 -16.14 -11.09 -19.97
N LYS B 7 -15.00 -11.24 -19.31
CA LYS B 7 -14.89 -11.01 -17.88
C LYS B 7 -14.19 -9.67 -17.58
N CYS B 8 -14.93 -8.77 -16.94
CA CYS B 8 -14.41 -7.47 -16.53
C CYS B 8 -14.38 -7.33 -15.00
N VAL B 9 -13.21 -7.01 -14.44
CA VAL B 9 -13.04 -6.89 -12.98
C VAL B 9 -12.73 -5.46 -12.54
N VAL B 10 -13.42 -5.00 -11.49
CA VAL B 10 -13.29 -3.62 -11.02
C VAL B 10 -12.51 -3.52 -9.70
N VAL B 11 -11.48 -2.67 -9.70
CA VAL B 11 -10.64 -2.50 -8.52
C VAL B 11 -10.27 -1.03 -8.24
N GLY B 12 -9.84 -0.78 -7.00
CA GLY B 12 -9.41 0.54 -6.59
C GLY B 12 -9.79 0.74 -5.14
N ASP B 13 -9.38 1.86 -4.56
CA ASP B 13 -9.58 2.13 -3.13
C ASP B 13 -11.02 2.04 -2.66
N GLY B 14 -11.17 1.79 -1.36
CA GLY B 14 -12.48 1.77 -0.73
C GLY B 14 -13.14 3.13 -0.93
N ALA B 15 -14.46 3.14 -1.14
CA ALA B 15 -15.21 4.39 -1.24
C ALA B 15 -14.86 5.29 -2.44
N VAL B 16 -14.13 4.74 -3.39
CA VAL B 16 -13.90 5.34 -4.70
C VAL B 16 -15.13 5.39 -5.61
N GLY B 17 -16.08 4.50 -5.39
CA GLY B 17 -17.23 4.41 -6.24
C GLY B 17 -17.44 3.18 -7.08
N LYS B 18 -16.71 2.13 -6.86
CA LYS B 18 -16.86 1.00 -7.74
C LYS B 18 -18.23 0.38 -7.75
N THR B 19 -18.85 0.20 -6.60
CA THR B 19 -20.15 -0.43 -6.58
C THR B 19 -21.24 0.44 -7.23
N CYS B 20 -21.23 1.73 -6.91
CA CYS B 20 -22.19 2.66 -7.51
C CYS B 20 -22.10 2.65 -9.05
N LEU B 21 -20.88 2.76 -9.58
CA LEU B 21 -20.75 2.81 -11.02
C LEU B 21 -21.27 1.52 -11.69
N LEU B 22 -21.04 0.38 -11.05
CA LEU B 22 -21.54 -0.89 -11.56
C LEU B 22 -23.06 -0.96 -11.49
N ILE B 23 -23.62 -0.38 -10.44
CA ILE B 23 -25.05 -0.49 -10.23
C ILE B 23 -25.80 0.54 -11.08
N SER B 24 -25.25 1.74 -11.15
CA SER B 24 -25.80 2.79 -11.99
C SER B 24 -25.78 2.36 -13.46
N TYR B 25 -24.71 1.74 -13.92
CA TYR B 25 -24.67 1.25 -15.27
C TYR B 25 -25.58 0.09 -15.62
N THR B 26 -25.58 -0.96 -14.82
CA THR B 26 -26.43 -2.08 -15.13
C THR B 26 -27.88 -1.80 -14.90
N THR B 27 -28.14 -1.07 -13.83
CA THR B 27 -29.47 -0.93 -13.32
C THR B 27 -30.06 0.45 -13.46
N ASN B 28 -29.24 1.44 -13.71
CA ASN B 28 -29.75 2.78 -13.88
C ASN B 28 -30.24 3.45 -12.64
N LYS B 29 -29.89 2.92 -11.49
CA LYS B 29 -30.23 3.58 -10.28
C LYS B 29 -28.97 3.77 -9.50
N PHE B 30 -28.91 4.84 -8.74
CA PHE B 30 -27.77 5.12 -7.88
C PHE B 30 -28.12 4.74 -6.44
N PRO B 31 -27.34 3.82 -5.82
CA PRO B 31 -27.61 3.38 -4.44
C PRO B 31 -27.09 4.38 -3.42
N SER B 32 -27.96 4.85 -2.53
CA SER B 32 -27.59 5.97 -1.65
C SER B 32 -26.84 5.54 -0.37
N GLU B 33 -27.09 4.33 0.10
CA GLU B 33 -26.41 3.84 1.31
C GLU B 33 -25.09 3.11 1.00
N TYR B 34 -24.01 3.59 1.61
CA TYR B 34 -22.70 2.98 1.49
C TYR B 34 -22.70 1.61 2.17
N VAL B 35 -22.46 0.55 1.39
CA VAL B 35 -22.27 -0.78 1.92
C VAL B 35 -21.01 -1.41 1.31
N PRO B 36 -19.92 -1.47 2.10
CA PRO B 36 -18.61 -1.91 1.61
C PRO B 36 -18.67 -3.32 1.05
N THR B 37 -18.02 -3.52 -0.09
CA THR B 37 -18.11 -4.77 -0.83
C THR B 37 -17.13 -5.80 -0.25
N VAL B 38 -17.50 -7.08 -0.28
CA VAL B 38 -16.55 -8.15 -0.03
C VAL B 38 -16.21 -8.76 -1.38
N PHE B 39 -17.20 -9.40 -2.00
CA PHE B 39 -17.17 -9.72 -3.43
C PHE B 39 -18.57 -9.88 -3.99
N ASP B 40 -18.73 -9.54 -5.25
CA ASP B 40 -20.00 -9.59 -5.94
C ASP B 40 -19.77 -9.77 -7.41
N ASN B 41 -20.74 -10.28 -8.14
CA ASN B 41 -20.66 -10.27 -9.59
C ASN B 41 -22.01 -10.10 -10.25
N TYR B 42 -22.01 -9.51 -11.43
CA TYR B 42 -23.22 -9.23 -12.19
C TYR B 42 -23.02 -9.64 -13.61
N ALA B 43 -24.09 -9.90 -14.33
CA ALA B 43 -23.94 -10.29 -15.73
C ALA B 43 -24.87 -9.55 -16.68
N VAL B 44 -24.36 -9.22 -17.86
CA VAL B 44 -25.09 -8.41 -18.82
C VAL B 44 -24.85 -8.93 -20.24
N THR B 45 -25.85 -8.77 -21.11
CA THR B 45 -25.69 -9.11 -22.53
C THR B 45 -25.48 -7.83 -23.34
N VAL B 46 -24.58 -7.92 -24.30
CA VAL B 46 -24.08 -6.75 -25.00
C VAL B 46 -23.76 -7.11 -26.47
N MET B 47 -24.01 -6.18 -27.39
CA MET B 47 -23.77 -6.49 -28.79
C MET B 47 -22.71 -5.60 -29.43
N ILE B 48 -21.66 -6.22 -29.97
CA ILE B 48 -20.62 -5.49 -30.65
C ILE B 48 -20.36 -6.07 -32.04
N GLY B 49 -20.41 -5.21 -33.07
CA GLY B 49 -20.21 -5.68 -34.43
C GLY B 49 -21.17 -6.81 -34.78
N GLY B 50 -22.42 -6.67 -34.37
CA GLY B 50 -23.48 -7.60 -34.74
C GLY B 50 -23.43 -8.93 -34.00
N GLU B 51 -22.63 -9.00 -32.95
CA GLU B 51 -22.48 -10.26 -32.22
C GLU B 51 -22.74 -10.10 -30.71
N PRO B 52 -23.55 -10.99 -30.14
CA PRO B 52 -23.83 -10.87 -28.71
C PRO B 52 -22.70 -11.46 -27.85
N TYR B 53 -22.38 -10.80 -26.74
CA TYR B 53 -21.44 -11.32 -25.76
C TYR B 53 -22.04 -11.23 -24.36
N THR B 54 -21.69 -12.19 -23.51
CA THR B 54 -22.03 -12.09 -22.11
C THR B 54 -20.89 -11.34 -21.41
N LEU B 55 -21.24 -10.17 -20.86
CA LEU B 55 -20.30 -9.36 -20.11
C LEU B 55 -20.43 -9.65 -18.61
N GLY B 56 -19.50 -10.42 -18.07
CA GLY B 56 -19.40 -10.64 -16.64
C GLY B 56 -18.74 -9.48 -15.91
N LEU B 57 -19.41 -8.97 -14.88
CA LEU B 57 -18.89 -7.84 -14.12
C LEU B 57 -18.62 -8.24 -12.67
N PHE B 58 -17.40 -8.00 -12.21
CA PHE B 58 -16.94 -8.45 -10.89
C PHE B 58 -16.56 -7.27 -9.97
N ASP B 59 -17.32 -7.12 -8.89
CA ASP B 59 -17.06 -6.07 -7.91
C ASP B 59 -16.13 -6.60 -6.81
N THR B 60 -15.19 -5.77 -6.34
CA THR B 60 -14.24 -6.21 -5.31
C THR B 60 -14.17 -5.25 -4.13
N ALA B 61 -13.62 -5.75 -3.04
CA ALA B 61 -13.35 -4.96 -1.85
C ALA B 61 -12.13 -4.04 -2.04
N GLY B 62 -12.27 -2.77 -1.70
CA GLY B 62 -11.16 -1.86 -1.79
C GLY B 62 -10.23 -1.92 -0.58
N GLN B 63 -10.78 -2.30 0.57
CA GLN B 63 -10.02 -2.21 1.82
C GLN B 63 -9.00 -3.33 2.02
N GLU B 64 -7.87 -2.98 2.65
CA GLU B 64 -6.74 -3.89 2.78
C GLU B 64 -7.03 -5.21 3.52
N ASP B 65 -8.01 -5.24 4.42
CA ASP B 65 -8.31 -6.46 5.17
C ASP B 65 -8.69 -7.64 4.27
N TYR B 66 -9.15 -7.36 3.05
CA TYR B 66 -9.57 -8.42 2.12
C TYR B 66 -8.51 -8.69 1.06
N ASP B 67 -7.32 -8.14 1.29
CA ASP B 67 -6.16 -8.31 0.40
C ASP B 67 -5.83 -9.74 -0.03
N ARG B 68 -6.15 -10.74 0.78
CA ARG B 68 -5.83 -12.12 0.40
C ARG B 68 -7.08 -12.83 -0.13
N LEU B 69 -8.22 -12.15 -0.02
CA LEU B 69 -9.49 -12.68 -0.54
C LEU B 69 -9.72 -12.21 -1.99
N ARG B 70 -9.41 -10.94 -2.25
CA ARG B 70 -9.60 -10.33 -3.57
C ARG B 70 -8.97 -11.05 -4.79
N PRO B 71 -7.79 -11.69 -4.64
CA PRO B 71 -7.24 -12.27 -5.86
C PRO B 71 -7.99 -13.50 -6.38
N LEU B 72 -8.85 -14.11 -5.58
CA LEU B 72 -9.74 -15.19 -6.07
C LEU B 72 -10.69 -14.72 -7.19
N SER B 73 -10.90 -13.40 -7.29
CA SER B 73 -11.71 -12.80 -8.36
C SER B 73 -10.97 -12.64 -9.69
N TYR B 74 -9.66 -12.85 -9.66
CA TYR B 74 -8.79 -12.50 -10.79
C TYR B 74 -8.65 -13.50 -11.97
N PRO B 75 -8.73 -14.82 -11.71
CA PRO B 75 -8.41 -15.69 -12.86
C PRO B 75 -9.34 -15.49 -14.06
N GLN B 76 -8.80 -15.62 -15.27
CA GLN B 76 -9.58 -15.55 -16.52
C GLN B 76 -10.11 -14.16 -16.86
N THR B 77 -9.55 -13.14 -16.22
CA THR B 77 -10.00 -11.77 -16.45
C THR B 77 -9.61 -11.27 -17.86
N ASP B 78 -10.56 -10.62 -18.54
CA ASP B 78 -10.31 -10.12 -19.90
C ASP B 78 -9.92 -8.65 -19.92
N VAL B 79 -10.40 -7.88 -18.96
CA VAL B 79 -10.09 -6.45 -18.89
C VAL B 79 -10.33 -5.97 -17.44
N PHE B 80 -9.42 -5.14 -16.92
CA PHE B 80 -9.61 -4.57 -15.59
C PHE B 80 -9.98 -3.09 -15.69
N LEU B 81 -10.89 -2.65 -14.82
CA LEU B 81 -11.11 -1.24 -14.59
C LEU B 81 -10.41 -0.86 -13.27
N VAL B 82 -9.32 -0.10 -13.38
CA VAL B 82 -8.62 0.41 -12.22
C VAL B 82 -9.12 1.79 -11.89
N CYS B 83 -9.90 1.89 -10.82
CA CYS B 83 -10.60 3.12 -10.48
C CYS B 83 -9.98 3.94 -9.36
N PHE B 84 -10.07 5.25 -9.53
CA PHE B 84 -9.78 6.20 -8.48
C PHE B 84 -10.78 7.35 -8.62
N SER B 85 -11.07 7.99 -7.51
CA SER B 85 -11.87 9.20 -7.46
C SER B 85 -11.04 10.41 -7.86
N VAL B 86 -11.56 11.22 -8.79
CA VAL B 86 -10.88 12.45 -9.17
C VAL B 86 -10.79 13.47 -8.03
N VAL B 87 -11.59 13.30 -6.98
CA VAL B 87 -11.45 14.18 -5.83
C VAL B 87 -10.73 13.52 -4.66
N SER B 88 -9.95 12.47 -4.94
CA SER B 88 -9.16 11.82 -3.89
C SER B 88 -7.77 11.48 -4.38
N PRO B 89 -6.83 12.45 -4.30
CA PRO B 89 -5.42 12.29 -4.69
C PRO B 89 -4.79 11.02 -4.11
N SER B 90 -5.17 10.70 -2.88
CA SER B 90 -4.65 9.52 -2.22
C SER B 90 -5.02 8.24 -3.00
N SER B 91 -6.26 8.16 -3.46
CA SER B 91 -6.71 7.04 -4.29
C SER B 91 -5.98 7.00 -5.65
N PHE B 92 -5.65 8.19 -6.17
CA PHE B 92 -4.85 8.29 -7.38
C PHE B 92 -3.45 7.70 -7.16
N GLU B 93 -2.83 8.03 -6.04
CA GLU B 93 -1.51 7.50 -5.70
C GLU B 93 -1.51 5.98 -5.57
N ASN B 94 -2.56 5.44 -4.96
CA ASN B 94 -2.67 4.01 -4.79
C ASN B 94 -2.80 3.25 -6.10
N VAL B 95 -3.22 3.96 -7.15
CA VAL B 95 -3.22 3.37 -8.48
C VAL B 95 -1.82 2.87 -8.83
N LYS B 96 -0.81 3.72 -8.66
CA LYS B 96 0.56 3.33 -9.01
C LYS B 96 1.16 2.33 -8.03
N GLU B 97 0.88 2.51 -6.76
CA GLU B 97 1.55 1.78 -5.72
C GLU B 97 0.89 0.45 -5.37
N LYS B 98 -0.41 0.36 -5.58
CA LYS B 98 -1.13 -0.83 -5.20
C LYS B 98 -1.76 -1.54 -6.42
N TRP B 99 -2.72 -0.87 -7.05
CA TRP B 99 -3.65 -1.55 -7.96
C TRP B 99 -3.07 -2.06 -9.27
N VAL B 100 -2.30 -1.24 -9.97
CA VAL B 100 -1.63 -1.70 -11.19
C VAL B 100 -0.55 -2.78 -10.95
N PRO B 101 0.35 -2.58 -9.98
CA PRO B 101 1.23 -3.72 -9.62
C PRO B 101 0.46 -5.01 -9.29
N GLU B 102 -0.65 -4.88 -8.57
CA GLU B 102 -1.40 -6.05 -8.12
C GLU B 102 -2.10 -6.83 -9.25
N ILE B 103 -2.66 -6.16 -10.24
CA ILE B 103 -3.33 -6.90 -11.31
C ILE B 103 -2.33 -7.40 -12.34
N THR B 104 -1.23 -6.67 -12.49
CA THR B 104 -0.22 -7.09 -13.45
C THR B 104 0.52 -8.34 -12.96
N HIS B 105 0.73 -8.41 -11.64
CA HIS B 105 1.30 -9.62 -11.02
C HIS B 105 0.42 -10.86 -11.21
N HIS B 106 -0.84 -10.74 -10.82
CA HIS B 106 -1.76 -11.88 -10.91
C HIS B 106 -2.27 -12.17 -12.33
N CYS B 107 -2.39 -11.14 -13.16
CA CYS B 107 -2.88 -11.33 -14.53
C CYS B 107 -2.02 -10.61 -15.55
N PRO B 108 -0.81 -11.12 -15.79
CA PRO B 108 0.07 -10.55 -16.81
C PRO B 108 -0.66 -10.54 -18.14
N LYS B 109 -0.33 -9.58 -19.00
CA LYS B 109 -0.88 -9.54 -20.36
C LYS B 109 -2.38 -9.31 -20.42
N THR B 110 -2.97 -8.82 -19.34
CA THR B 110 -4.39 -8.48 -19.39
C THR B 110 -4.57 -6.96 -19.45
N PRO B 111 -5.30 -6.48 -20.46
CA PRO B 111 -5.47 -5.03 -20.59
C PRO B 111 -6.21 -4.42 -19.42
N PHE B 112 -5.89 -3.17 -19.12
CA PHE B 112 -6.67 -2.41 -18.14
C PHE B 112 -6.92 -0.96 -18.59
N LEU B 113 -8.01 -0.38 -18.09
CA LEU B 113 -8.32 1.03 -18.30
C LEU B 113 -8.13 1.77 -16.97
N LEU B 114 -7.68 3.00 -17.05
CA LEU B 114 -7.65 3.87 -15.90
C LEU B 114 -8.96 4.66 -15.87
N VAL B 115 -9.71 4.52 -14.77
CA VAL B 115 -11.04 5.08 -14.64
C VAL B 115 -11.12 6.11 -13.51
N GLY B 116 -11.34 7.36 -13.88
CA GLY B 116 -11.55 8.42 -12.90
C GLY B 116 -13.03 8.48 -12.56
N THR B 117 -13.37 8.54 -11.30
CA THR B 117 -14.72 8.42 -10.89
C THR B 117 -15.10 9.64 -10.12
N GLN B 118 -16.39 9.87 -9.96
CA GLN B 118 -16.91 10.98 -9.20
C GLN B 118 -16.60 12.36 -9.74
N ILE B 119 -16.56 12.49 -11.05
CA ILE B 119 -16.19 13.74 -11.71
C ILE B 119 -17.19 14.88 -11.42
N ASP B 120 -18.42 14.53 -11.05
CA ASP B 120 -19.41 15.52 -10.67
C ASP B 120 -18.93 16.37 -9.48
N LEU B 121 -18.03 15.82 -8.68
CA LEU B 121 -17.57 16.49 -7.46
C LEU B 121 -16.41 17.41 -7.72
N ARG B 122 -15.85 17.33 -8.93
CA ARG B 122 -14.66 18.12 -9.28
C ARG B 122 -14.86 19.65 -9.19
N ASP B 123 -16.12 20.08 -9.25
CA ASP B 123 -16.42 21.51 -9.22
C ASP B 123 -17.21 21.91 -7.97
N ASP B 124 -17.51 20.93 -7.11
CA ASP B 124 -18.22 21.19 -5.85
C ASP B 124 -17.32 21.92 -4.85
N PRO B 125 -17.66 23.17 -4.54
CA PRO B 125 -16.82 24.02 -3.65
C PRO B 125 -16.59 23.39 -2.28
N SER B 126 -17.60 22.74 -1.73
CA SER B 126 -17.47 22.02 -0.46
C SER B 126 -16.37 20.98 -0.57
N THR B 127 -16.28 20.33 -1.72
CA THR B 127 -15.25 19.32 -1.97
C THR B 127 -13.88 19.98 -2.18
N ILE B 128 -13.87 21.08 -2.94
CA ILE B 128 -12.64 21.82 -3.19
C ILE B 128 -12.07 22.33 -1.87
N GLU B 129 -12.99 22.70 -0.97
CA GLU B 129 -12.67 23.28 0.32
C GLU B 129 -11.98 22.25 1.22
N LYS B 130 -12.50 21.02 1.22
CA LYS B 130 -11.94 19.95 2.02
C LYS B 130 -10.53 19.60 1.58
N LEU B 131 -10.32 19.49 0.26
CA LEU B 131 -9.01 19.19 -0.29
C LEU B 131 -8.04 20.31 0.03
N ALA B 132 -8.55 21.53 0.01
CA ALA B 132 -7.76 22.73 0.26
C ALA B 132 -7.14 22.74 1.66
N LYS B 133 -7.97 22.47 2.67
CA LYS B 133 -7.48 22.38 4.04
C LYS B 133 -6.34 21.36 4.19
N ASN B 134 -6.35 20.33 3.36
CA ASN B 134 -5.29 19.34 3.40
C ASN B 134 -4.26 19.51 2.29
N LYS B 135 -4.09 20.75 1.82
CA LYS B 135 -3.10 21.09 0.81
C LYS B 135 -3.25 20.27 -0.48
N GLN B 136 -4.48 20.02 -0.90
CA GLN B 136 -4.75 19.19 -2.06
C GLN B 136 -5.76 19.80 -3.04
N LYS B 137 -5.78 19.26 -4.27
CA LYS B 137 -6.69 19.70 -5.33
C LYS B 137 -7.19 18.45 -6.03
N PRO B 138 -8.29 18.58 -6.80
CA PRO B 138 -8.75 17.45 -7.61
C PRO B 138 -7.79 17.09 -8.74
N ILE B 139 -7.89 15.87 -9.24
CA ILE B 139 -7.07 15.42 -10.37
C ILE B 139 -7.66 15.90 -11.69
N THR B 140 -6.83 16.56 -12.50
CA THR B 140 -7.25 16.99 -13.83
C THR B 140 -7.11 15.85 -14.84
N PRO B 141 -7.98 15.82 -15.87
CA PRO B 141 -7.89 14.84 -16.96
C PRO B 141 -6.47 14.68 -17.48
N GLU B 142 -5.76 15.80 -17.63
CA GLU B 142 -4.41 15.77 -18.18
C GLU B 142 -3.49 14.93 -17.31
N THR B 143 -3.48 15.24 -16.02
CA THR B 143 -2.68 14.52 -15.04
C THR B 143 -2.98 13.02 -15.05
N ALA B 144 -4.25 12.69 -15.00
CA ALA B 144 -4.64 11.29 -15.11
C ALA B 144 -4.21 10.67 -16.44
N GLU B 145 -4.34 11.41 -17.53
CA GLU B 145 -3.94 10.87 -18.83
C GLU B 145 -2.45 10.53 -18.86
N LYS B 146 -1.61 11.41 -18.30
CA LYS B 146 -0.18 11.13 -18.22
C LYS B 146 0.10 9.84 -17.43
N LEU B 147 -0.52 9.67 -16.26
CA LEU B 147 -0.35 8.44 -15.51
C LEU B 147 -0.76 7.20 -16.32
N ALA B 148 -1.90 7.30 -17.01
CA ALA B 148 -2.36 6.21 -17.89
C ALA B 148 -1.31 5.82 -18.95
N ARG B 149 -0.58 6.81 -19.47
CA ARG B 149 0.49 6.56 -20.43
C ARG B 149 1.66 5.81 -19.80
N ASP B 150 2.17 6.36 -18.70
CA ASP B 150 3.30 5.79 -17.98
C ASP B 150 3.10 4.35 -17.52
N LEU B 151 1.88 4.03 -17.11
CA LEU B 151 1.59 2.68 -16.60
C LEU B 151 1.06 1.74 -17.67
N LYS B 152 1.04 2.21 -18.91
CA LYS B 152 0.63 1.40 -20.06
C LYS B 152 -0.82 0.95 -19.98
N ALA B 153 -1.70 1.81 -19.46
CA ALA B 153 -3.13 1.57 -19.56
C ALA B 153 -3.55 1.65 -21.02
N VAL B 154 -4.60 0.91 -21.39
CA VAL B 154 -5.13 1.02 -22.73
C VAL B 154 -5.58 2.44 -23.00
N LYS B 155 -6.35 3.00 -22.06
CA LYS B 155 -6.60 4.44 -22.05
C LYS B 155 -7.14 4.94 -20.73
N TYR B 156 -7.35 6.26 -20.67
CA TYR B 156 -7.96 6.90 -19.52
C TYR B 156 -9.37 7.33 -19.82
N VAL B 157 -10.30 7.01 -18.92
CA VAL B 157 -11.68 7.40 -19.02
C VAL B 157 -12.23 7.88 -17.68
N GLU B 158 -13.25 8.72 -17.68
CA GLU B 158 -13.88 9.16 -16.46
C GLU B 158 -15.39 9.24 -16.53
N CYS B 159 -16.03 9.22 -15.37
CA CYS B 159 -17.46 9.13 -15.27
C CYS B 159 -17.98 9.63 -13.94
N SER B 160 -19.28 9.75 -13.84
CA SER B 160 -19.96 9.91 -12.58
C SER B 160 -21.05 8.84 -12.59
N ALA B 161 -21.05 7.97 -11.59
CA ALA B 161 -22.15 7.04 -11.40
C ALA B 161 -23.46 7.79 -11.05
N LEU B 162 -23.32 9.00 -10.51
CA LEU B 162 -24.46 9.81 -10.11
C LEU B 162 -25.18 10.46 -11.29
N THR B 163 -24.43 11.09 -12.20
CA THR B 163 -25.07 11.75 -13.34
C THR B 163 -25.12 10.85 -14.58
N GLN B 164 -24.40 9.73 -14.52
CA GLN B 164 -24.20 8.80 -15.65
C GLN B 164 -23.41 9.40 -16.82
N ARG B 165 -22.88 10.60 -16.62
CA ARG B 165 -22.00 11.21 -17.60
C ARG B 165 -20.71 10.41 -17.77
N GLY B 166 -20.45 9.97 -18.99
CA GLY B 166 -19.25 9.21 -19.32
C GLY B 166 -19.34 7.74 -18.97
N LEU B 167 -20.43 7.38 -18.28
CA LEU B 167 -20.59 6.05 -17.73
C LEU B 167 -20.64 4.97 -18.79
N LYS B 168 -21.53 5.13 -19.75
CA LYS B 168 -21.63 4.19 -20.87
C LYS B 168 -20.29 4.03 -21.60
N ASN B 169 -19.62 5.15 -21.86
CA ASN B 169 -18.40 5.13 -22.66
C ASN B 169 -17.26 4.38 -21.98
N VAL B 170 -17.28 4.36 -20.64
CA VAL B 170 -16.35 3.57 -19.87
C VAL B 170 -16.44 2.11 -20.28
N PHE B 171 -17.66 1.59 -20.30
CA PHE B 171 -17.86 0.18 -20.61
C PHE B 171 -17.69 -0.13 -22.09
N ASP B 172 -18.06 0.81 -22.95
CA ASP B 172 -17.77 0.72 -24.38
C ASP B 172 -16.28 0.48 -24.58
N GLU B 173 -15.49 1.32 -23.94
CA GLU B 173 -14.05 1.22 -24.04
C GLU B 173 -13.47 -0.08 -23.50
N ALA B 174 -14.06 -0.57 -22.40
CA ALA B 174 -13.60 -1.80 -21.78
C ALA B 174 -13.81 -3.00 -22.72
N ILE B 175 -15.00 -3.08 -23.29
CA ILE B 175 -15.33 -4.09 -24.29
C ILE B 175 -14.34 -4.14 -25.46
N LEU B 176 -14.14 -2.98 -26.09
CA LEU B 176 -13.19 -2.83 -27.17
C LEU B 176 -11.78 -3.25 -26.75
N ALA B 177 -11.40 -2.87 -25.54
CA ALA B 177 -10.08 -3.20 -25.03
C ALA B 177 -9.93 -4.71 -24.87
N ALA B 178 -11.05 -5.39 -24.61
CA ALA B 178 -11.01 -6.81 -24.30
C ALA B 178 -10.98 -7.65 -25.56
N LEU B 179 -11.41 -7.08 -26.68
CA LEU B 179 -11.51 -7.82 -27.93
C LEU B 179 -10.40 -7.47 -28.91
N GLU B 180 -9.58 -6.49 -28.55
CA GLU B 180 -8.50 -6.07 -29.41
C GLU B 180 -7.45 -7.17 -29.57
PG GNP C . -15.78 -0.59 -1.42
O1G GNP C . -14.41 -1.05 -1.93
O2G GNP C . -16.93 -1.49 -1.99
O3G GNP C . -15.75 -0.64 -0.04
N3B GNP C . -16.02 1.04 -1.86
PB GNP C . -16.84 1.32 -3.31
O1B GNP C . -15.85 1.69 -4.21
O2B GNP C . -17.56 -0.01 -3.73
O3A GNP C . -17.67 2.61 -3.16
PA GNP C . -19.17 2.84 -3.34
O1A GNP C . -19.55 2.52 -4.69
O2A GNP C . -19.86 2.25 -2.23
O5' GNP C . -19.24 4.37 -3.17
C5' GNP C . -18.95 4.93 -1.91
C4' GNP C . -19.45 6.35 -1.74
O4' GNP C . -19.26 7.14 -2.89
C3' GNP C . -20.93 6.38 -1.52
O3' GNP C . -21.20 7.53 -0.76
C2' GNP C . -21.48 6.76 -2.83
O2' GNP C . -22.68 7.43 -2.53
C1' GNP C . -20.45 7.75 -3.29
N9 GNP C . -20.42 7.89 -4.76
C8 GNP C . -20.20 6.88 -5.59
N7 GNP C . -20.19 7.29 -6.85
C5 GNP C . -20.40 8.59 -6.86
C6 GNP C . -20.50 9.61 -7.88
O6 GNP C . -20.38 9.34 -9.06
N1 GNP C . -20.71 10.85 -7.49
C2 GNP C . -20.83 11.15 -6.21
N2 GNP C . -21.05 12.43 -5.90
N3 GNP C . -20.75 10.28 -5.22
C4 GNP C . -20.55 8.98 -5.48
MG MG D . -19.56 -0.62 -2.06
#